data_6W7B
#
_entry.id   6W7B
#
_cell.length_a   66.906
_cell.length_b   122.597
_cell.length_c   125.576
_cell.angle_alpha   90
_cell.angle_beta   90
_cell.angle_gamma   90
#
_symmetry.space_group_name_H-M   'P 21 21 21'
#
loop_
_entity.id
_entity.type
_entity.pdbx_description
1 polymer 'Potassium channel subfamily K member 2'
2 non-polymer 'CADMIUM ION'
3 non-polymer DODECANE
4 non-polymer N-OCTANE
5 non-polymer 'heptyl beta-D-glucopyranoside'
6 non-polymer 'POTASSIUM ION'
7 non-polymer DECANE
#
_entity_poly.entity_id   1
_entity_poly.type   'polypeptide(L)'
_entity_poly.pdbx_seq_one_letter_code
;MSFSSKPTVLASRVESDSAINVMKWKTVSTIFLVVVLYLIIGATVFKALEQPQEISQRTTIVIQREKFLRAHPCVSDQEL
DELIQQIVAAINAGIIPLGASSNQVSHWDLGSSFFFAGTVITTIGFGNISPRTEGGKIFCIIYALLGIPLFGFLLAGVGD
QLGTIFGKGIAKVEDTFIKWNVSQTKIRIISTIIFILFGCVLFVALPAVIFKHIEGWSALDAIYFVVITLTTIGFGDYVA
GGSDIEYLDFYKPVVWFWILVGLAYFAAVLSMIGDWLRVIAKKTKEAVGEFRAHAAEWTANVTSNSLEVLFQ
;
_entity_poly.pdbx_strand_id   A,B
#
loop_
_chem_comp.id
_chem_comp.type
_chem_comp.name
_chem_comp.formula
B7G D-saccharide 'heptyl beta-D-glucopyranoside' 'C13 H26 O6'
CD non-polymer 'CADMIUM ION' 'Cd 2'
D10 non-polymer DECANE 'C10 H22'
D12 non-polymer DODECANE 'C12 H26'
K non-polymer 'POTASSIUM ION' 'K 1'
OCT non-polymer N-OCTANE 'C8 H18'
#
# COMPACT_ATOMS: atom_id res chain seq x y z
N LYS A 24 25.48 17.58 -12.18
CA LYS A 24 26.67 16.76 -12.03
C LYS A 24 26.72 16.06 -10.67
N TRP A 25 26.80 16.86 -9.60
CA TRP A 25 26.83 16.30 -8.26
C TRP A 25 25.56 15.53 -7.95
N LYS A 26 25.74 14.26 -7.56
CA LYS A 26 24.64 13.31 -7.51
C LYS A 26 23.65 13.65 -6.40
N THR A 27 24.11 13.66 -5.15
CA THR A 27 23.37 14.00 -3.94
C THR A 27 22.27 12.98 -3.63
N VAL A 28 22.06 12.00 -4.50
CA VAL A 28 21.05 10.97 -4.25
C VAL A 28 21.66 9.76 -3.55
N SER A 29 22.89 9.39 -3.92
CA SER A 29 23.61 8.35 -3.19
C SER A 29 23.74 8.69 -1.72
N THR A 30 23.80 9.98 -1.38
CA THR A 30 23.82 10.40 0.01
C THR A 30 22.48 10.13 0.69
N ILE A 31 21.39 10.54 0.04
CA ILE A 31 20.06 10.29 0.60
C ILE A 31 19.80 8.80 0.75
N PHE A 32 20.30 8.01 -0.21
CA PHE A 32 20.24 6.56 -0.11
C PHE A 32 20.71 6.07 1.26
N LEU A 33 21.84 6.57 1.73
CA LEU A 33 22.37 6.12 3.01
C LEU A 33 21.52 6.60 4.18
N VAL A 34 20.88 7.76 4.04
CA VAL A 34 19.99 8.25 5.09
C VAL A 34 18.82 7.28 5.28
N VAL A 35 18.26 6.78 4.17
CA VAL A 35 17.14 5.86 4.26
C VAL A 35 17.60 4.48 4.71
N VAL A 36 18.75 4.02 4.22
CA VAL A 36 19.34 2.76 4.72
C VAL A 36 19.55 2.86 6.22
N LEU A 37 20.20 3.93 6.68
CA LEU A 37 20.29 4.22 8.11
C LEU A 37 18.91 4.24 8.76
N TYR A 38 17.96 4.93 8.14
CA TYR A 38 16.64 5.07 8.75
C TYR A 38 15.90 3.75 8.82
N LEU A 39 16.13 2.86 7.86
CA LEU A 39 15.55 1.52 7.93
C LEU A 39 16.23 0.69 9.02
N ILE A 40 17.55 0.80 9.15
CA ILE A 40 18.26 0.11 10.23
C ILE A 40 17.74 0.58 11.58
N ILE A 41 17.45 1.88 11.69
CA ILE A 41 16.85 2.40 12.92
C ILE A 41 15.50 1.74 13.18
N GLY A 42 14.59 1.87 12.22
CA GLY A 42 13.27 1.28 12.38
C GLY A 42 13.31 -0.21 12.67
N ALA A 43 14.16 -0.95 11.94
CA ALA A 43 14.29 -2.38 12.18
C ALA A 43 14.69 -2.67 13.61
N THR A 44 15.76 -2.03 14.09
CA THR A 44 16.21 -2.25 15.45
C THR A 44 15.18 -1.78 16.48
N VAL A 45 14.34 -0.82 16.12
CA VAL A 45 13.30 -0.37 17.04
C VAL A 45 12.13 -1.36 17.04
N PHE A 46 11.64 -1.73 15.86
CA PHE A 46 10.50 -2.66 15.81
C PHE A 46 10.86 -4.03 16.37
N LYS A 47 12.10 -4.48 16.21
CA LYS A 47 12.46 -5.76 16.81
C LYS A 47 12.55 -5.65 18.33
N ALA A 48 12.71 -4.45 18.87
CA ALA A 48 12.68 -4.29 20.33
C ALA A 48 11.26 -4.11 20.84
N LEU A 49 10.37 -3.55 20.02
CA LEU A 49 9.00 -3.30 20.46
C LEU A 49 8.10 -4.52 20.29
N GLU A 50 8.34 -5.31 19.25
CA GLU A 50 7.38 -6.33 18.82
C GLU A 50 7.83 -7.75 19.08
N GLN A 51 9.12 -8.05 18.96
CA GLN A 51 9.59 -9.40 19.27
C GLN A 51 9.32 -9.82 20.72
N PRO A 52 9.26 -8.93 21.71
CA PRO A 52 8.74 -9.35 23.03
C PRO A 52 7.29 -9.81 23.00
N GLN A 53 6.36 -8.98 22.50
CA GLN A 53 4.97 -9.39 22.46
C GLN A 53 4.71 -10.54 21.49
N GLU A 54 5.66 -10.84 20.61
CA GLU A 54 5.48 -11.99 19.73
C GLU A 54 5.63 -13.29 20.51
N ILE A 55 6.64 -13.35 21.40
CA ILE A 55 6.85 -14.55 22.22
C ILE A 55 5.66 -14.80 23.12
N SER A 56 5.19 -13.75 23.80
CA SER A 56 4.13 -13.90 24.79
C SER A 56 2.88 -14.53 24.18
N GLN A 57 2.48 -14.06 23.01
CA GLN A 57 1.29 -14.58 22.36
C GLN A 57 1.48 -16.03 21.93
N ARG A 58 2.59 -16.30 21.23
CA ARG A 58 2.78 -17.61 20.61
C ARG A 58 3.05 -18.70 21.64
N THR A 59 3.84 -18.38 22.66
CA THR A 59 4.09 -19.36 23.72
C THR A 59 2.87 -19.58 24.60
N THR A 60 1.91 -18.65 24.59
CA THR A 60 0.64 -18.87 25.26
C THR A 60 -0.44 -19.40 24.33
N ILE A 61 -0.26 -19.29 23.01
CA ILE A 61 -1.14 -19.99 22.09
C ILE A 61 -0.89 -21.49 22.15
N VAL A 62 0.36 -21.89 22.38
CA VAL A 62 0.67 -23.29 22.64
C VAL A 62 -0.14 -23.80 23.82
N ILE A 63 -0.46 -22.93 24.78
CA ILE A 63 -1.16 -23.36 25.99
C ILE A 63 -2.63 -23.67 25.68
N GLN A 64 -3.26 -22.87 24.80
CA GLN A 64 -4.61 -23.24 24.37
C GLN A 64 -4.58 -24.50 23.52
N ARG A 65 -3.57 -24.64 22.67
CA ARG A 65 -3.42 -25.88 21.89
C ARG A 65 -3.16 -27.07 22.81
N GLU A 66 -2.26 -26.90 23.79
CA GLU A 66 -1.95 -28.00 24.69
C GLU A 66 -3.14 -28.35 25.58
N LYS A 67 -4.06 -27.41 25.79
CA LYS A 67 -5.29 -27.72 26.51
C LYS A 67 -6.28 -28.46 25.62
N PHE A 68 -6.45 -28.01 24.38
CA PHE A 68 -7.45 -28.60 23.49
C PHE A 68 -7.22 -30.10 23.28
N LEU A 69 -5.95 -30.52 23.19
CA LEU A 69 -5.68 -31.95 23.14
C LEU A 69 -6.12 -32.63 24.42
N ARG A 70 -5.97 -31.95 25.56
CA ARG A 70 -6.36 -32.52 26.84
C ARG A 70 -7.85 -32.32 27.11
N ALA A 71 -8.41 -31.19 26.66
CA ALA A 71 -9.84 -30.95 26.83
C ALA A 71 -10.67 -31.89 25.95
N HIS A 72 -10.09 -32.37 24.85
CA HIS A 72 -10.77 -33.29 23.95
C HIS A 72 -9.77 -34.29 23.40
N PRO A 73 -9.58 -35.42 24.07
CA PRO A 73 -8.88 -36.55 23.43
C PRO A 73 -9.58 -37.05 22.18
N CYS A 74 -10.81 -36.61 21.95
CA CYS A 74 -11.53 -36.92 20.72
C CYS A 74 -10.73 -36.51 19.50
N VAL A 75 -10.23 -35.27 19.50
CA VAL A 75 -9.35 -34.78 18.44
C VAL A 75 -7.91 -35.02 18.88
N SER A 76 -7.12 -35.64 18.02
CA SER A 76 -5.81 -36.14 18.39
C SER A 76 -4.70 -35.20 17.90
N ASP A 77 -3.45 -35.65 18.06
CA ASP A 77 -2.30 -34.88 17.60
C ASP A 77 -2.31 -34.73 16.08
N GLN A 78 -2.37 -35.85 15.36
CA GLN A 78 -2.37 -35.81 13.90
C GLN A 78 -3.55 -35.03 13.35
N GLU A 79 -4.66 -34.97 14.09
CA GLU A 79 -5.87 -34.35 13.57
C GLU A 79 -5.86 -32.84 13.74
N LEU A 80 -5.15 -32.33 14.75
CA LEU A 80 -5.01 -30.88 14.88
C LEU A 80 -4.13 -30.32 13.77
N ASP A 81 -3.18 -31.11 13.27
CA ASP A 81 -2.48 -30.74 12.04
C ASP A 81 -3.46 -30.63 10.88
N GLU A 82 -4.29 -31.66 10.71
CA GLU A 82 -5.31 -31.63 9.66
C GLU A 82 -6.27 -30.47 9.84
N LEU A 83 -6.61 -30.15 11.09
CA LEU A 83 -7.54 -29.06 11.35
C LEU A 83 -6.94 -27.71 10.96
N ILE A 84 -5.64 -27.53 11.18
CA ILE A 84 -4.96 -26.31 10.75
C ILE A 84 -4.79 -26.31 9.24
N GLN A 85 -4.44 -27.46 8.66
CA GLN A 85 -4.27 -27.55 7.21
C GLN A 85 -5.53 -27.12 6.47
N GLN A 86 -6.69 -27.48 7.00
CA GLN A 86 -7.95 -27.07 6.39
C GLN A 86 -8.25 -25.61 6.62
N ILE A 87 -7.69 -25.01 7.67
CA ILE A 87 -7.77 -23.56 7.85
C ILE A 87 -6.79 -22.86 6.94
N VAL A 88 -5.55 -23.36 6.86
CA VAL A 88 -4.56 -22.79 5.95
C VAL A 88 -5.08 -22.80 4.52
N ALA A 89 -5.70 -23.91 4.11
CA ALA A 89 -6.32 -23.95 2.78
C ALA A 89 -7.49 -22.98 2.70
N ALA A 90 -8.25 -22.84 3.79
CA ALA A 90 -9.40 -21.94 3.82
C ALA A 90 -9.03 -20.52 4.25
N ILE A 91 -7.74 -20.21 4.38
CA ILE A 91 -7.33 -18.82 4.48
C ILE A 91 -7.42 -18.17 3.11
N ASN A 92 -7.06 -18.91 2.07
CA ASN A 92 -7.13 -18.39 0.72
C ASN A 92 -8.56 -18.05 0.30
N ALA A 93 -9.57 -18.63 0.96
CA ALA A 93 -10.95 -18.31 0.66
C ALA A 93 -11.57 -17.34 1.67
N GLY A 94 -11.61 -17.74 2.94
CA GLY A 94 -12.12 -16.87 3.94
C GLY A 94 -12.70 -17.63 5.13
N ILE A 95 -13.82 -17.14 5.64
CA ILE A 95 -14.41 -17.59 6.89
C ILE A 95 -15.73 -18.29 6.61
N ILE A 96 -16.02 -19.35 7.36
CA ILE A 96 -16.79 -20.48 6.87
C ILE A 96 -17.90 -20.93 7.82
N PRO A 97 -18.66 -22.04 7.52
CA PRO A 97 -20.14 -21.98 7.51
C PRO A 97 -20.90 -21.33 8.67
N LEU A 98 -20.82 -21.88 9.89
CA LEU A 98 -21.72 -21.38 10.92
C LEU A 98 -21.28 -20.02 11.45
N GLY A 99 -19.96 -19.82 11.59
CA GLY A 99 -19.44 -18.52 11.91
C GLY A 99 -19.61 -17.56 10.74
N ALA A 100 -20.11 -18.11 9.63
CA ALA A 100 -20.30 -17.35 8.40
C ALA A 100 -21.76 -17.31 7.93
N SER A 101 -22.66 -18.04 8.58
CA SER A 101 -24.08 -17.90 8.31
C SER A 101 -24.84 -17.15 9.40
N SER A 102 -24.32 -17.16 10.62
CA SER A 102 -24.87 -16.39 11.72
C SER A 102 -24.23 -15.01 11.84
N ASN A 103 -23.04 -14.81 11.26
CA ASN A 103 -22.32 -13.56 11.40
C ASN A 103 -22.04 -12.83 10.09
N GLN A 104 -21.98 -13.54 8.96
CA GLN A 104 -21.35 -13.02 7.76
C GLN A 104 -22.25 -13.09 6.54
N VAL A 105 -21.83 -12.35 5.52
CA VAL A 105 -22.44 -12.28 4.19
C VAL A 105 -21.38 -12.83 3.24
N SER A 106 -21.70 -13.00 1.96
CA SER A 106 -20.72 -13.42 0.96
C SER A 106 -19.94 -12.22 0.46
N HIS A 107 -18.63 -12.40 0.30
CA HIS A 107 -17.79 -11.37 -0.28
C HIS A 107 -18.04 -11.28 -1.79
N TRP A 108 -17.45 -10.26 -2.41
CA TRP A 108 -17.59 -9.99 -3.84
C TRP A 108 -19.04 -9.66 -4.22
N ASP A 109 -19.85 -9.22 -3.26
CA ASP A 109 -21.26 -8.99 -3.52
C ASP A 109 -21.46 -7.63 -4.19
N LEU A 110 -22.71 -7.15 -4.22
CA LEU A 110 -23.03 -5.91 -4.93
C LEU A 110 -22.12 -4.76 -4.52
N GLY A 111 -21.79 -4.65 -3.24
CA GLY A 111 -21.06 -3.49 -2.76
C GLY A 111 -19.67 -3.75 -2.20
N SER A 112 -19.37 -5.01 -1.87
CA SER A 112 -18.06 -5.32 -1.33
C SER A 112 -16.98 -5.34 -2.40
N SER A 113 -17.34 -5.70 -3.63
CA SER A 113 -16.38 -5.57 -4.73
C SER A 113 -16.20 -4.12 -5.14
N PHE A 114 -17.22 -3.28 -4.93
CA PHE A 114 -17.07 -1.85 -5.07
C PHE A 114 -15.97 -1.32 -4.16
N PHE A 115 -15.98 -1.79 -2.90
CA PHE A 115 -14.92 -1.49 -1.94
C PHE A 115 -13.53 -1.79 -2.49
N PHE A 116 -13.28 -3.04 -2.86
CA PHE A 116 -11.94 -3.46 -3.26
C PHE A 116 -11.50 -2.82 -4.57
N ALA A 117 -12.45 -2.49 -5.46
CA ALA A 117 -12.11 -1.61 -6.58
C ALA A 117 -11.64 -0.25 -6.07
N GLY A 118 -12.24 0.23 -4.98
CA GLY A 118 -11.82 1.50 -4.41
C GLY A 118 -10.45 1.47 -3.78
N THR A 119 -10.04 0.31 -3.24
CA THR A 119 -8.71 0.21 -2.65
C THR A 119 -7.63 0.19 -3.71
N VAL A 120 -7.91 -0.44 -4.86
CA VAL A 120 -6.89 -0.62 -5.89
C VAL A 120 -6.47 0.73 -6.47
N ILE A 121 -7.44 1.57 -6.82
CA ILE A 121 -7.10 2.85 -7.44
C ILE A 121 -6.52 3.82 -6.43
N THR A 122 -6.95 3.75 -5.17
CA THR A 122 -6.34 4.56 -4.12
C THR A 122 -4.98 4.02 -3.70
N THR A 123 -4.63 2.81 -4.12
CA THR A 123 -3.42 2.10 -3.70
C THR A 123 -3.38 1.86 -2.19
N ILE A 124 -4.54 1.98 -1.52
CA ILE A 124 -4.63 1.53 -0.13
C ILE A 124 -4.32 0.05 -0.04
N GLY A 125 -4.93 -0.75 -0.92
CA GLY A 125 -4.59 -2.15 -1.07
C GLY A 125 -4.70 -2.97 0.19
N PHE A 126 -5.93 -3.14 0.68
CA PHE A 126 -6.13 -3.92 1.90
C PHE A 126 -5.81 -5.39 1.68
N GLY A 127 -6.21 -5.93 0.52
CA GLY A 127 -5.66 -7.18 0.03
C GLY A 127 -5.79 -8.42 0.89
N ASN A 128 -6.61 -8.38 1.94
CA ASN A 128 -6.88 -9.63 2.67
C ASN A 128 -7.64 -10.61 1.79
N ILE A 129 -8.57 -10.12 0.97
CA ILE A 129 -9.22 -10.92 -0.05
C ILE A 129 -8.76 -10.35 -1.40
N SER A 130 -7.74 -10.96 -1.97
CA SER A 130 -7.29 -10.65 -3.32
C SER A 130 -8.02 -11.52 -4.32
N PRO A 131 -8.01 -11.17 -5.60
CA PRO A 131 -8.63 -12.05 -6.59
C PRO A 131 -7.83 -13.32 -6.77
N ARG A 132 -8.54 -14.41 -7.07
CA ARG A 132 -7.95 -15.72 -7.27
C ARG A 132 -7.96 -16.17 -8.73
N THR A 133 -8.92 -15.67 -9.51
CA THR A 133 -9.00 -16.00 -10.93
C THR A 133 -7.86 -15.32 -11.69
N GLU A 134 -7.33 -16.01 -12.70
CA GLU A 134 -6.35 -15.38 -13.57
C GLU A 134 -6.94 -14.17 -14.28
N GLY A 135 -8.15 -14.32 -14.83
CA GLY A 135 -8.82 -13.19 -15.45
C GLY A 135 -9.04 -12.04 -14.49
N GLY A 136 -9.35 -12.36 -13.24
CA GLY A 136 -9.46 -11.31 -12.22
C GLY A 136 -8.14 -10.65 -11.93
N LYS A 137 -7.06 -11.42 -11.94
CA LYS A 137 -5.74 -10.86 -11.70
C LYS A 137 -5.27 -10.03 -12.88
N ILE A 138 -5.61 -10.43 -14.11
CA ILE A 138 -5.19 -9.68 -15.29
C ILE A 138 -6.03 -8.42 -15.44
N PHE A 139 -7.35 -8.52 -15.22
CA PHE A 139 -8.19 -7.33 -15.17
C PHE A 139 -7.70 -6.35 -14.12
N CYS A 140 -7.33 -6.86 -12.93
CA CYS A 140 -6.89 -5.99 -11.85
C CYS A 140 -5.59 -5.27 -12.20
N ILE A 141 -4.65 -5.97 -12.84
CA ILE A 141 -3.41 -5.34 -13.29
C ILE A 141 -3.73 -4.12 -14.14
N ILE A 142 -4.60 -4.29 -15.14
CA ILE A 142 -4.95 -3.18 -16.01
C ILE A 142 -5.87 -2.19 -15.31
N TYR A 143 -6.79 -2.71 -14.49
CA TYR A 143 -7.68 -1.83 -13.72
C TYR A 143 -6.87 -0.91 -12.80
N ALA A 144 -5.77 -1.41 -12.25
CA ALA A 144 -4.88 -0.58 -11.44
C ALA A 144 -4.08 0.36 -12.32
N LEU A 145 -3.37 -0.18 -13.32
CA LEU A 145 -2.52 0.64 -14.19
C LEU A 145 -3.30 1.78 -14.83
N LEU A 146 -4.60 1.61 -15.04
CA LEU A 146 -5.41 2.67 -15.62
C LEU A 146 -6.25 3.41 -14.59
N GLY A 147 -6.53 2.80 -13.45
CA GLY A 147 -7.34 3.44 -12.42
C GLY A 147 -6.55 4.29 -11.46
N ILE A 148 -5.30 3.90 -11.19
CA ILE A 148 -4.43 4.70 -10.33
C ILE A 148 -4.20 6.09 -10.91
N PRO A 149 -3.80 6.25 -12.19
CA PRO A 149 -3.69 7.61 -12.73
C PRO A 149 -5.02 8.33 -12.78
N LEU A 150 -6.09 7.64 -13.17
CA LEU A 150 -7.43 8.23 -13.17
C LEU A 150 -7.79 8.78 -11.79
N PHE A 151 -7.55 8.00 -10.74
CA PHE A 151 -7.87 8.47 -9.40
C PHE A 151 -6.95 9.60 -8.96
N GLY A 152 -5.71 9.61 -9.45
CA GLY A 152 -4.77 10.66 -9.07
C GLY A 152 -5.25 12.05 -9.43
N PHE A 153 -6.05 12.18 -10.48
CA PHE A 153 -6.59 13.49 -10.84
C PHE A 153 -7.75 13.88 -9.94
N LEU A 154 -8.58 12.92 -9.56
CA LEU A 154 -9.62 13.19 -8.56
C LEU A 154 -9.00 13.62 -7.24
N LEU A 155 -7.96 12.90 -6.79
CA LEU A 155 -7.26 13.28 -5.58
C LEU A 155 -6.63 14.66 -5.70
N ALA A 156 -5.88 14.90 -6.77
CA ALA A 156 -5.27 16.21 -6.99
C ALA A 156 -6.33 17.27 -7.23
N GLY A 157 -7.43 16.92 -7.90
CA GLY A 157 -8.52 17.88 -8.06
C GLY A 157 -9.13 18.29 -6.73
N VAL A 158 -9.39 17.30 -5.87
CA VAL A 158 -9.86 17.61 -4.51
C VAL A 158 -8.76 18.31 -3.71
N GLY A 159 -7.50 18.00 -4.00
CA GLY A 159 -6.40 18.65 -3.29
C GLY A 159 -6.40 20.15 -3.47
N ASP A 160 -6.59 20.62 -4.71
CA ASP A 160 -6.70 22.06 -4.94
C ASP A 160 -8.11 22.56 -4.71
N GLN A 161 -9.11 21.67 -4.74
CA GLN A 161 -10.45 22.02 -4.27
C GLN A 161 -10.42 22.33 -2.78
N LEU A 162 -9.80 21.45 -2.00
CA LEU A 162 -9.62 21.71 -0.58
C LEU A 162 -8.62 22.84 -0.33
N GLY A 163 -7.68 23.05 -1.26
CA GLY A 163 -6.70 24.11 -1.09
C GLY A 163 -7.32 25.50 -1.06
N THR A 164 -8.49 25.67 -1.67
CA THR A 164 -9.22 26.92 -1.60
C THR A 164 -10.30 26.93 -0.53
N ILE A 165 -10.80 25.77 -0.14
CA ILE A 165 -11.62 25.68 1.07
C ILE A 165 -10.80 26.16 2.26
N PHE A 166 -9.51 25.81 2.29
CA PHE A 166 -8.62 26.28 3.33
C PHE A 166 -8.05 27.65 3.03
N GLY A 167 -7.89 27.99 1.74
CA GLY A 167 -7.40 29.31 1.38
C GLY A 167 -8.38 30.43 1.69
N LYS A 168 -9.67 30.15 1.61
CA LYS A 168 -10.67 31.14 2.02
C LYS A 168 -10.89 31.13 3.52
N GLY A 169 -10.54 30.05 4.20
CA GLY A 169 -10.59 30.05 5.65
C GLY A 169 -9.44 30.80 6.29
N ILE A 170 -8.28 30.85 5.62
CA ILE A 170 -7.15 31.60 6.13
C ILE A 170 -7.20 33.07 5.76
N ALA A 171 -7.95 33.43 4.71
CA ALA A 171 -8.21 34.85 4.46
C ALA A 171 -9.02 35.45 5.59
N LYS A 172 -9.85 34.65 6.25
CA LYS A 172 -10.54 35.10 7.46
C LYS A 172 -9.56 35.29 8.61
N VAL A 173 -8.69 34.31 8.83
CA VAL A 173 -7.85 34.30 10.03
C VAL A 173 -6.75 35.35 9.92
N GLU A 174 -6.17 35.52 8.73
CA GLU A 174 -5.10 36.49 8.55
C GLU A 174 -5.57 37.93 8.73
N ASP A 175 -6.87 38.18 8.72
CA ASP A 175 -7.39 39.52 8.99
C ASP A 175 -7.65 39.70 10.48
N LYS A 186 5.20 35.56 13.71
CA LYS A 186 4.76 34.42 14.51
C LYS A 186 3.41 33.88 14.06
N ILE A 187 2.57 34.78 13.52
CA ILE A 187 1.20 34.40 13.17
C ILE A 187 1.19 33.36 12.06
N ARG A 188 2.22 33.33 11.21
CA ARG A 188 2.35 32.29 10.20
C ARG A 188 2.34 30.90 10.83
N ILE A 189 2.83 30.77 12.05
CA ILE A 189 2.90 29.46 12.69
C ILE A 189 1.66 29.14 13.51
N ILE A 190 0.96 30.15 14.04
CA ILE A 190 -0.35 29.91 14.63
C ILE A 190 -1.29 29.30 13.60
N SER A 191 -1.21 29.76 12.35
CA SER A 191 -2.05 29.21 11.30
C SER A 191 -1.71 27.76 11.01
N THR A 192 -0.42 27.43 10.93
CA THR A 192 -0.01 26.05 10.71
C THR A 192 -0.40 25.14 11.87
N ILE A 193 -0.60 25.70 13.06
CA ILE A 193 -1.17 24.92 14.15
C ILE A 193 -2.65 24.66 13.88
N ILE A 194 -3.36 25.67 13.38
CA ILE A 194 -4.80 25.55 13.13
C ILE A 194 -5.08 24.56 12.00
N PHE A 195 -4.10 24.28 11.15
CA PHE A 195 -4.30 23.30 10.08
C PHE A 195 -4.00 21.87 10.53
N ILE A 196 -2.96 21.67 11.36
CA ILE A 196 -2.75 20.33 11.90
C ILE A 196 -3.82 19.99 12.93
N LEU A 197 -4.19 20.94 13.80
CA LEU A 197 -5.19 20.63 14.81
C LEU A 197 -6.57 20.45 14.18
N PHE A 198 -7.04 21.48 13.46
CA PHE A 198 -8.41 21.50 12.99
C PHE A 198 -8.63 20.53 11.84
N GLY A 199 -7.56 20.13 11.17
CA GLY A 199 -7.63 19.03 10.22
C GLY A 199 -7.62 17.70 10.93
N CYS A 200 -6.60 17.43 11.74
CA CYS A 200 -6.47 16.12 12.35
C CYS A 200 -7.58 15.83 13.36
N VAL A 201 -8.13 16.87 14.01
CA VAL A 201 -9.31 16.65 14.85
C VAL A 201 -10.45 16.10 14.01
N LEU A 202 -10.63 16.63 12.81
CA LEU A 202 -11.67 16.10 11.92
C LEU A 202 -11.33 14.69 11.44
N PHE A 203 -10.10 14.48 10.97
CA PHE A 203 -9.81 13.29 10.16
C PHE A 203 -9.38 12.07 10.97
N VAL A 204 -9.22 12.16 12.28
CA VAL A 204 -8.99 10.97 13.09
C VAL A 204 -10.15 10.67 14.04
N ALA A 205 -10.96 11.68 14.39
CA ALA A 205 -12.10 11.43 15.26
C ALA A 205 -13.28 10.86 14.49
N LEU A 206 -13.68 11.53 13.42
CA LEU A 206 -14.89 11.14 12.69
C LEU A 206 -14.68 9.94 11.76
N PRO A 207 -13.71 9.98 10.82
CA PRO A 207 -13.69 8.92 9.78
C PRO A 207 -13.53 7.51 10.34
N ALA A 208 -12.70 7.34 11.36
CA ALA A 208 -12.53 6.00 11.95
C ALA A 208 -13.82 5.51 12.59
N VAL A 209 -14.58 6.42 13.18
CA VAL A 209 -15.85 6.04 13.81
C VAL A 209 -16.94 5.84 12.75
N ILE A 210 -16.91 6.64 11.68
CA ILE A 210 -17.91 6.51 10.61
C ILE A 210 -17.81 5.15 9.94
N PHE A 211 -16.60 4.60 9.86
CA PHE A 211 -16.38 3.32 9.19
C PHE A 211 -15.57 2.35 10.05
N GLY A 216 -17.31 0.81 21.99
CA GLY A 216 -16.87 2.08 21.45
C GLY A 216 -15.77 1.91 20.42
N TRP A 217 -14.53 2.11 20.88
CA TRP A 217 -13.31 1.78 20.14
C TRP A 217 -12.15 2.02 21.10
N SER A 218 -10.90 1.89 20.67
CA SER A 218 -9.82 2.34 21.52
C SER A 218 -9.37 3.74 21.08
N ALA A 219 -8.65 4.41 21.97
CA ALA A 219 -8.20 5.77 21.66
C ALA A 219 -7.11 5.76 20.60
N LEU A 220 -6.12 4.88 20.74
CA LEU A 220 -5.03 4.83 19.78
C LEU A 220 -5.48 4.27 18.44
N ASP A 221 -6.12 3.11 18.44
CA ASP A 221 -6.35 2.37 17.20
C ASP A 221 -7.23 3.12 16.22
N ALA A 222 -8.01 4.09 16.68
CA ALA A 222 -8.74 4.95 15.75
C ALA A 222 -7.78 5.82 14.96
N ILE A 223 -6.71 6.29 15.61
CA ILE A 223 -5.72 7.11 14.94
C ILE A 223 -4.71 6.24 14.18
N TYR A 224 -4.29 5.13 14.79
CA TYR A 224 -3.46 4.15 14.09
C TYR A 224 -4.15 3.68 12.80
N PHE A 225 -5.46 3.43 12.88
CA PHE A 225 -6.23 3.08 11.69
C PHE A 225 -6.15 4.17 10.63
N VAL A 226 -6.42 5.42 11.02
CA VAL A 226 -6.50 6.51 10.05
C VAL A 226 -5.15 6.75 9.39
N VAL A 227 -4.09 6.78 10.18
CA VAL A 227 -2.75 7.06 9.64
C VAL A 227 -2.36 5.99 8.63
N ILE A 228 -2.56 4.71 8.99
CA ILE A 228 -2.25 3.63 8.06
C ILE A 228 -3.12 3.71 6.82
N THR A 229 -4.38 4.12 6.99
CA THR A 229 -5.30 4.17 5.86
C THR A 229 -4.96 5.32 4.91
N LEU A 230 -4.97 6.55 5.42
CA LEU A 230 -4.88 7.72 4.55
C LEU A 230 -3.46 8.01 4.09
N THR A 231 -2.45 7.30 4.61
CA THR A 231 -1.14 7.29 3.99
C THR A 231 -1.02 6.25 2.90
N THR A 232 -2.06 5.44 2.70
CA THR A 232 -2.12 4.36 1.71
C THR A 232 -1.12 3.24 1.99
N ILE A 233 -0.60 3.15 3.22
CA ILE A 233 0.07 1.94 3.63
C ILE A 233 -0.95 0.81 3.75
N GLY A 234 -2.17 1.16 4.16
CA GLY A 234 -3.34 0.34 3.97
C GLY A 234 -4.05 -0.20 5.20
N PHE A 235 -5.09 0.54 5.61
CA PHE A 235 -6.35 0.02 6.12
C PHE A 235 -6.21 -1.14 7.11
N GLY A 236 -5.84 -0.80 8.35
CA GLY A 236 -5.50 -1.77 9.38
C GLY A 236 -6.65 -2.54 10.00
N ASP A 237 -7.06 -3.61 9.32
CA ASP A 237 -7.95 -4.63 9.88
C ASP A 237 -9.38 -4.21 10.18
N TYR A 238 -10.17 -4.01 9.13
CA TYR A 238 -11.63 -4.14 9.18
C TYR A 238 -12.09 -5.24 10.12
N VAL A 239 -13.00 -4.92 11.04
CA VAL A 239 -13.54 -5.86 12.01
C VAL A 239 -15.03 -6.04 11.73
N ALA A 240 -15.53 -7.25 11.99
CA ALA A 240 -16.91 -7.60 11.68
C ALA A 240 -17.80 -7.67 12.91
N GLY A 241 -17.30 -7.28 14.08
CA GLY A 241 -18.08 -7.39 15.30
C GLY A 241 -18.37 -8.82 15.69
N GLY A 242 -17.42 -9.73 15.48
CA GLY A 242 -17.61 -11.13 15.80
C GLY A 242 -17.72 -11.39 17.29
N SER A 243 -16.70 -10.98 18.05
CA SER A 243 -16.70 -11.19 19.49
C SER A 243 -16.20 -9.94 20.21
N LYS A 252 -21.84 3.82 2.21
CA LYS A 252 -20.76 3.89 1.23
C LYS A 252 -20.47 5.34 0.78
N PRO A 253 -21.45 6.01 0.15
CA PRO A 253 -21.10 7.21 -0.63
C PRO A 253 -20.58 8.35 0.21
N VAL A 254 -21.23 8.63 1.35
CA VAL A 254 -20.79 9.72 2.21
C VAL A 254 -19.45 9.39 2.87
N VAL A 255 -19.14 8.10 3.03
CA VAL A 255 -17.89 7.71 3.67
C VAL A 255 -16.71 7.92 2.73
N TRP A 256 -16.83 7.42 1.49
CA TRP A 256 -15.77 7.62 0.50
C TRP A 256 -15.53 9.09 0.18
N PHE A 257 -16.48 9.97 0.52
CA PHE A 257 -16.17 11.40 0.56
C PHE A 257 -15.04 11.68 1.53
N TRP A 258 -15.23 11.31 2.81
CA TRP A 258 -14.22 11.57 3.84
C TRP A 258 -12.87 10.95 3.48
N ILE A 259 -12.88 9.71 3.00
CA ILE A 259 -11.62 9.05 2.63
C ILE A 259 -10.91 9.84 1.54
N LEU A 260 -11.65 10.28 0.53
CA LEU A 260 -11.04 11.07 -0.54
C LEU A 260 -10.48 12.39 -0.02
N VAL A 261 -11.22 13.06 0.87
CA VAL A 261 -10.73 14.30 1.45
C VAL A 261 -9.62 14.04 2.44
N GLY A 262 -9.75 12.97 3.24
CA GLY A 262 -8.69 12.60 4.17
C GLY A 262 -7.41 12.18 3.46
N LEU A 263 -7.54 11.50 2.32
CA LEU A 263 -6.36 11.22 1.50
C LEU A 263 -5.74 12.50 0.98
N ALA A 264 -6.56 13.43 0.49
CA ALA A 264 -6.05 14.74 0.12
C ALA A 264 -5.43 15.47 1.31
N TYR A 265 -5.97 15.23 2.50
CA TYR A 265 -5.42 15.84 3.71
C TYR A 265 -4.02 15.33 4.00
N PHE A 266 -3.86 14.00 4.14
CA PHE A 266 -2.53 13.47 4.39
C PHE A 266 -1.61 13.65 3.19
N ALA A 267 -2.17 13.76 1.98
CA ALA A 267 -1.33 14.10 0.83
C ALA A 267 -0.65 15.44 1.03
N ALA A 268 -1.39 16.42 1.56
CA ALA A 268 -0.77 17.71 1.90
C ALA A 268 0.11 17.59 3.13
N VAL A 269 -0.35 16.85 4.14
CA VAL A 269 0.42 16.71 5.38
C VAL A 269 1.76 16.05 5.11
N LEU A 270 1.74 14.89 4.46
CA LEU A 270 2.99 14.22 4.11
C LEU A 270 3.86 15.05 3.17
N SER A 271 3.25 16.01 2.46
CA SER A 271 4.04 16.89 1.60
C SER A 271 4.63 18.06 2.37
N MET A 272 3.90 18.58 3.37
CA MET A 272 4.45 19.64 4.20
C MET A 272 5.70 19.19 4.93
N ILE A 273 5.65 17.97 5.48
CA ILE A 273 6.81 17.46 6.21
C ILE A 273 8.03 17.41 5.31
N GLY A 274 7.82 17.13 4.01
CA GLY A 274 8.91 17.24 3.06
C GLY A 274 9.46 18.64 2.94
N ASP A 275 8.62 19.65 3.12
CA ASP A 275 9.10 21.03 3.13
C ASP A 275 9.99 21.28 4.34
N TRP A 276 9.53 20.85 5.52
CA TRP A 276 10.34 21.04 6.73
C TRP A 276 11.57 20.15 6.73
N LEU A 277 11.44 18.91 6.21
CA LEU A 277 12.62 18.05 6.09
C LEU A 277 13.62 18.61 5.10
N ARG A 278 13.15 19.32 4.08
CA ARG A 278 14.07 20.04 3.20
C ARG A 278 14.70 21.23 3.92
N VAL A 279 13.95 21.89 4.81
CA VAL A 279 14.53 22.95 5.63
C VAL A 279 15.54 22.39 6.60
N ILE A 280 15.16 21.34 7.35
CA ILE A 280 16.05 20.74 8.33
C ILE A 280 17.32 20.21 7.68
N ALA A 281 17.22 19.75 6.43
CA ALA A 281 18.40 19.29 5.71
C ALA A 281 19.38 20.43 5.47
N LYS A 282 18.86 21.57 4.97
CA LYS A 282 19.72 22.70 4.67
C LYS A 282 20.16 23.45 5.93
N LYS A 283 19.43 23.29 7.04
CA LYS A 283 19.91 23.81 8.31
C LYS A 283 21.04 22.95 8.86
N THR A 284 20.94 21.64 8.74
CA THR A 284 22.04 20.76 9.13
C THR A 284 23.17 20.75 8.11
N LYS A 285 22.91 21.20 6.88
CA LYS A 285 23.98 21.32 5.90
C LYS A 285 24.94 22.44 6.27
N GLU A 286 24.41 23.59 6.70
CA GLU A 286 25.29 24.69 7.11
C GLU A 286 25.99 24.39 8.43
N ALA A 287 25.35 23.61 9.30
CA ALA A 287 25.94 23.33 10.62
C ALA A 287 27.20 22.48 10.49
N VAL A 288 27.17 21.46 9.63
CA VAL A 288 28.36 20.65 9.40
C VAL A 288 29.40 21.45 8.62
N GLY A 289 28.94 22.33 7.71
CA GLY A 289 29.88 23.18 6.99
C GLY A 289 30.69 24.07 7.91
N GLU A 290 30.03 24.70 8.87
CA GLU A 290 30.75 25.46 9.90
C GLU A 290 31.67 24.56 10.72
N PHE A 291 31.08 23.56 11.37
CA PHE A 291 31.77 22.75 12.37
C PHE A 291 32.86 21.86 11.78
N ARG A 292 32.94 21.75 10.45
CA ARG A 292 34.15 21.23 9.83
C ARG A 292 35.10 22.33 9.38
N ALA A 293 34.57 23.53 9.11
CA ALA A 293 35.44 24.64 8.72
C ALA A 293 36.18 25.22 9.91
N HIS A 294 35.49 25.39 11.05
CA HIS A 294 36.17 25.90 12.24
C HIS A 294 37.22 24.93 12.75
N ALA A 295 36.92 23.63 12.72
CA ALA A 295 37.91 22.64 13.09
C ALA A 295 39.07 22.59 12.11
N ALA A 296 38.86 23.04 10.87
CA ALA A 296 39.94 23.03 9.88
C ALA A 296 40.99 24.09 10.19
N GLU A 297 40.56 25.30 10.56
CA GLU A 297 41.51 26.33 10.96
C GLU A 297 42.07 26.04 12.34
N TRP A 298 41.26 25.43 13.20
CA TRP A 298 41.73 24.96 14.50
C TRP A 298 43.02 24.16 14.37
N THR A 299 43.07 23.26 13.39
CA THR A 299 44.23 22.40 13.20
C THR A 299 45.43 23.19 12.68
N ALA A 300 45.18 24.24 11.88
CA ALA A 300 46.28 25.07 11.41
C ALA A 300 46.94 25.84 12.53
N ASN A 301 46.20 26.12 13.61
CA ASN A 301 46.79 26.77 14.77
C ASN A 301 47.66 25.81 15.57
N VAL A 302 47.24 24.54 15.64
CA VAL A 302 47.99 23.51 16.35
C VAL A 302 49.37 23.29 15.74
N THR A 303 49.53 23.60 14.46
CA THR A 303 50.83 23.39 13.81
C THR A 303 51.91 24.29 14.40
N SER A 304 51.57 25.53 14.72
CA SER A 304 52.54 26.46 15.28
C SER A 304 52.78 26.20 16.76
N SER B 16 -13.00 36.50 -12.71
CA SER B 16 -11.74 35.88 -13.11
C SER B 16 -11.12 35.10 -11.96
N ASP B 17 -11.28 35.62 -10.74
CA ASP B 17 -10.70 34.96 -9.57
C ASP B 17 -11.51 33.74 -9.18
N SER B 18 -12.82 33.90 -8.99
CA SER B 18 -13.72 32.79 -8.69
C SER B 18 -14.60 32.41 -9.87
N ALA B 19 -14.38 33.03 -11.03
CA ALA B 19 -15.11 32.63 -12.24
C ALA B 19 -14.53 31.35 -12.82
N ILE B 20 -13.21 31.23 -12.86
CA ILE B 20 -12.58 29.98 -13.28
C ILE B 20 -12.78 28.88 -12.26
N ASN B 21 -13.09 29.25 -11.01
CA ASN B 21 -13.33 28.25 -9.97
C ASN B 21 -14.74 27.67 -10.03
N VAL B 22 -15.67 28.37 -10.68
CA VAL B 22 -16.93 27.74 -11.05
C VAL B 22 -16.73 26.80 -12.23
N MET B 23 -15.70 27.06 -13.04
CA MET B 23 -15.31 26.14 -14.10
C MET B 23 -14.60 24.91 -13.53
N LYS B 24 -13.84 25.08 -12.44
CA LYS B 24 -13.06 23.98 -11.88
C LYS B 24 -13.94 23.00 -11.11
N TRP B 25 -14.91 23.51 -10.33
CA TRP B 25 -15.79 22.63 -9.58
C TRP B 25 -16.55 21.70 -10.51
N LYS B 26 -16.89 22.18 -11.72
CA LYS B 26 -17.46 21.31 -12.74
C LYS B 26 -16.48 20.22 -13.13
N THR B 27 -15.25 20.61 -13.48
CA THR B 27 -14.28 19.68 -14.05
C THR B 27 -13.94 18.55 -13.09
N VAL B 28 -13.99 18.81 -11.79
CA VAL B 28 -13.70 17.77 -10.79
C VAL B 28 -14.94 16.94 -10.47
N SER B 29 -16.10 17.58 -10.36
CA SER B 29 -17.34 16.84 -10.13
C SER B 29 -17.62 15.86 -11.27
N THR B 30 -17.17 16.18 -12.49
CA THR B 30 -17.28 15.24 -13.60
C THR B 30 -16.34 14.05 -13.41
N ILE B 31 -15.09 14.31 -13.03
CA ILE B 31 -14.12 13.24 -12.81
C ILE B 31 -14.61 12.33 -11.68
N PHE B 32 -15.24 12.91 -10.66
CA PHE B 32 -15.89 12.12 -9.61
C PHE B 32 -16.78 11.03 -10.21
N LEU B 33 -17.60 11.40 -11.19
CA LEU B 33 -18.52 10.42 -11.78
C LEU B 33 -17.78 9.40 -12.62
N VAL B 34 -16.67 9.80 -13.27
CA VAL B 34 -15.87 8.85 -14.04
C VAL B 34 -15.34 7.76 -13.12
N VAL B 35 -14.87 8.14 -11.93
CA VAL B 35 -14.35 7.17 -10.98
C VAL B 35 -15.48 6.34 -10.39
N VAL B 36 -16.62 6.97 -10.09
CA VAL B 36 -17.77 6.23 -9.58
C VAL B 36 -18.19 5.16 -10.58
N LEU B 37 -18.35 5.54 -11.85
CA LEU B 37 -18.60 4.55 -12.90
C LEU B 37 -17.47 3.52 -12.94
N TYR B 38 -16.22 3.99 -12.91
CA TYR B 38 -15.07 3.10 -12.99
C TYR B 38 -15.06 2.09 -11.86
N LEU B 39 -15.53 2.48 -10.68
CA LEU B 39 -15.65 1.54 -9.57
C LEU B 39 -16.81 0.59 -9.77
N ILE B 40 -17.96 1.11 -10.24
CA ILE B 40 -19.09 0.26 -10.57
C ILE B 40 -18.69 -0.76 -11.63
N ILE B 41 -17.92 -0.33 -12.63
CA ILE B 41 -17.42 -1.25 -13.65
C ILE B 41 -16.54 -2.31 -13.03
N GLY B 42 -15.52 -1.89 -12.27
CA GLY B 42 -14.65 -2.84 -11.61
C GLY B 42 -15.41 -3.78 -10.69
N ALA B 43 -16.36 -3.24 -9.92
CA ALA B 43 -17.18 -4.07 -9.05
C ALA B 43 -17.92 -5.14 -9.84
N THR B 44 -18.66 -4.72 -10.87
CA THR B 44 -19.43 -5.67 -11.67
C THR B 44 -18.53 -6.68 -12.38
N VAL B 45 -17.27 -6.31 -12.66
CA VAL B 45 -16.35 -7.26 -13.28
C VAL B 45 -15.81 -8.25 -12.25
N PHE B 46 -15.33 -7.74 -11.11
CA PHE B 46 -14.78 -8.64 -10.09
C PHE B 46 -15.85 -9.56 -9.51
N LYS B 47 -17.08 -9.07 -9.36
CA LYS B 47 -18.14 -9.94 -8.84
C LYS B 47 -18.55 -11.01 -9.83
N ALA B 48 -18.24 -10.83 -11.12
CA ALA B 48 -18.44 -11.86 -12.12
C ALA B 48 -17.27 -12.83 -12.21
N LEU B 49 -16.05 -12.35 -11.94
CA LEU B 49 -14.86 -13.19 -12.05
C LEU B 49 -14.63 -14.02 -10.80
N GLU B 50 -14.94 -13.47 -9.62
CA GLU B 50 -14.49 -14.06 -8.36
C GLU B 50 -15.60 -14.74 -7.57
N GLN B 51 -16.82 -14.20 -7.60
CA GLN B 51 -17.90 -14.75 -6.79
C GLN B 51 -18.30 -16.16 -7.22
N PRO B 52 -18.15 -16.54 -8.50
CA PRO B 52 -18.26 -17.98 -8.83
C PRO B 52 -17.20 -18.82 -8.14
N GLN B 53 -15.94 -18.37 -8.15
CA GLN B 53 -14.87 -19.14 -7.55
C GLN B 53 -15.00 -19.24 -6.03
N GLU B 54 -15.71 -18.29 -5.43
CA GLU B 54 -15.87 -18.26 -3.98
C GLU B 54 -16.91 -19.26 -3.51
N ILE B 55 -18.03 -19.36 -4.23
CA ILE B 55 -19.08 -20.31 -3.87
C ILE B 55 -18.57 -21.74 -3.95
N SER B 56 -17.78 -22.04 -5.00
CA SER B 56 -17.18 -23.37 -5.11
C SER B 56 -16.33 -23.70 -3.91
N GLN B 57 -15.55 -22.74 -3.43
CA GLN B 57 -14.70 -22.97 -2.26
C GLN B 57 -15.53 -23.12 -0.98
N ARG B 58 -16.54 -22.26 -0.75
CA ARG B 58 -17.23 -22.32 0.53
C ARG B 58 -18.17 -23.53 0.59
N THR B 59 -18.93 -23.74 -0.48
CA THR B 59 -19.90 -24.80 -0.44
C THR B 59 -19.23 -26.16 -0.40
N THR B 60 -17.94 -26.23 -0.75
CA THR B 60 -17.19 -27.46 -0.60
C THR B 60 -16.33 -27.47 0.65
N ILE B 61 -16.14 -26.33 1.32
CA ILE B 61 -15.51 -26.36 2.64
C ILE B 61 -16.53 -26.69 3.71
N VAL B 62 -17.82 -26.52 3.43
CA VAL B 62 -18.86 -27.04 4.32
C VAL B 62 -18.76 -28.55 4.41
N ILE B 63 -18.42 -29.19 3.30
CA ILE B 63 -18.35 -30.65 3.26
C ILE B 63 -17.26 -31.17 4.17
N GLN B 64 -16.16 -30.41 4.33
CA GLN B 64 -15.15 -30.79 5.31
C GLN B 64 -15.61 -30.47 6.72
N ARG B 65 -16.32 -29.36 6.90
CA ARG B 65 -17.02 -29.13 8.16
C ARG B 65 -18.00 -30.26 8.47
N GLU B 66 -18.81 -30.64 7.48
CA GLU B 66 -19.79 -31.69 7.72
C GLU B 66 -19.13 -33.06 7.87
N LYS B 67 -17.97 -33.26 7.26
CA LYS B 67 -17.25 -34.52 7.45
C LYS B 67 -16.67 -34.61 8.84
N PHE B 68 -16.01 -33.54 9.29
CA PHE B 68 -15.14 -33.64 10.44
C PHE B 68 -15.92 -33.70 11.74
N LEU B 69 -17.19 -33.26 11.72
CA LEU B 69 -18.08 -33.49 12.86
C LEU B 69 -18.53 -34.94 12.93
N ARG B 70 -18.74 -35.59 11.77
CA ARG B 70 -19.04 -37.02 11.70
C ARG B 70 -17.79 -37.88 11.74
N ALA B 71 -16.64 -37.34 11.30
CA ALA B 71 -15.39 -38.05 11.53
C ALA B 71 -15.08 -38.13 13.02
N HIS B 72 -15.56 -37.17 13.80
CA HIS B 72 -15.29 -37.11 15.24
C HIS B 72 -16.48 -36.47 15.94
N PRO B 73 -17.47 -37.27 16.33
CA PRO B 73 -18.65 -36.68 16.99
C PRO B 73 -18.38 -36.22 18.41
N CYS B 74 -17.43 -36.83 19.11
CA CYS B 74 -17.21 -36.57 20.52
C CYS B 74 -16.56 -35.23 20.82
N VAL B 75 -16.04 -34.52 19.81
CA VAL B 75 -15.59 -33.15 20.04
C VAL B 75 -16.80 -32.24 20.11
N SER B 76 -16.69 -31.19 20.92
CA SER B 76 -17.80 -30.25 21.10
C SER B 76 -18.11 -29.55 19.79
N ASP B 77 -19.38 -29.57 19.39
CA ASP B 77 -19.79 -29.03 18.09
C ASP B 77 -19.70 -27.52 18.06
N GLN B 78 -20.50 -26.85 18.89
CA GLN B 78 -20.53 -25.38 18.87
C GLN B 78 -19.18 -24.78 19.25
N GLU B 79 -18.39 -25.50 20.05
CA GLU B 79 -17.10 -24.99 20.48
C GLU B 79 -15.99 -25.25 19.48
N LEU B 80 -16.19 -26.18 18.55
CA LEU B 80 -15.22 -26.35 17.47
C LEU B 80 -15.26 -25.16 16.50
N ASP B 81 -16.43 -24.53 16.36
CA ASP B 81 -16.51 -23.26 15.64
C ASP B 81 -15.69 -22.20 16.37
N GLU B 82 -15.90 -22.09 17.68
CA GLU B 82 -15.17 -21.11 18.49
C GLU B 82 -13.67 -21.39 18.49
N LEU B 83 -13.28 -22.67 18.41
CA LEU B 83 -11.86 -23.01 18.38
C LEU B 83 -11.21 -22.53 17.08
N ILE B 84 -11.93 -22.64 15.96
CA ILE B 84 -11.40 -22.17 14.69
C ILE B 84 -11.40 -20.64 14.66
N GLN B 85 -12.46 -20.02 15.18
CA GLN B 85 -12.51 -18.57 15.26
C GLN B 85 -11.33 -18.03 16.06
N GLN B 86 -10.96 -18.71 17.14
CA GLN B 86 -9.78 -18.31 17.91
C GLN B 86 -8.49 -18.61 17.17
N ILE B 87 -8.50 -19.57 16.24
CA ILE B 87 -7.34 -19.74 15.37
C ILE B 87 -7.33 -18.66 14.30
N VAL B 88 -8.48 -18.39 13.68
CA VAL B 88 -8.57 -17.35 12.65
C VAL B 88 -8.14 -16.01 13.22
N ALA B 89 -8.65 -15.65 14.40
CA ALA B 89 -8.25 -14.40 15.04
C ALA B 89 -6.77 -14.42 15.40
N ALA B 90 -6.25 -15.59 15.76
CA ALA B 90 -4.83 -15.76 16.11
C ALA B 90 -4.05 -16.35 14.94
N ILE B 91 -4.37 -15.94 13.71
CA ILE B 91 -3.51 -16.17 12.56
C ILE B 91 -2.78 -14.87 12.24
N ASN B 92 -3.44 -13.73 12.50
CA ASN B 92 -2.92 -12.43 12.12
C ASN B 92 -1.64 -12.03 12.86
N ALA B 93 -1.21 -12.84 13.82
CA ALA B 93 0.10 -12.68 14.45
C ALA B 93 1.11 -13.55 13.70
N GLY B 94 2.29 -13.75 14.27
CA GLY B 94 3.23 -14.70 13.71
C GLY B 94 2.85 -16.10 14.14
N ILE B 95 2.25 -16.88 13.24
CA ILE B 95 1.36 -17.97 13.63
C ILE B 95 1.63 -19.21 12.78
N ILE B 96 2.04 -20.29 13.43
CA ILE B 96 2.11 -21.63 12.82
C ILE B 96 1.78 -22.63 13.92
N PRO B 97 0.54 -22.64 14.45
CA PRO B 97 0.29 -23.33 15.73
C PRO B 97 0.13 -24.83 15.55
N LEU B 98 1.05 -25.60 16.12
CA LEU B 98 1.02 -27.06 16.05
C LEU B 98 1.95 -27.66 17.10
N GLY B 99 1.57 -28.84 17.58
CA GLY B 99 2.48 -29.66 18.36
C GLY B 99 3.63 -30.24 17.58
N ALA B 100 3.57 -30.17 16.25
CA ALA B 100 4.69 -30.42 15.37
C ALA B 100 4.85 -29.19 14.50
N SER B 101 6.06 -28.60 14.52
CA SER B 101 6.35 -27.22 14.12
C SER B 101 5.90 -26.21 15.16
N SER B 102 6.08 -26.54 16.45
CA SER B 102 5.96 -25.53 17.50
C SER B 102 7.22 -24.69 17.64
N ASN B 103 8.38 -25.23 17.25
CA ASN B 103 9.60 -24.43 17.19
C ASN B 103 9.54 -23.48 16.00
N GLN B 104 9.88 -22.21 16.24
CA GLN B 104 9.46 -21.16 15.33
C GLN B 104 10.52 -20.07 15.24
N VAL B 105 10.41 -19.26 14.18
CA VAL B 105 11.27 -18.10 13.97
C VAL B 105 10.42 -16.85 14.20
N SER B 106 11.09 -15.74 14.47
CA SER B 106 10.41 -14.47 14.72
C SER B 106 10.07 -13.77 13.42
N HIS B 107 8.87 -13.21 13.38
CA HIS B 107 8.47 -12.28 12.31
C HIS B 107 8.98 -10.88 12.55
N TRP B 108 9.89 -10.71 13.51
CA TRP B 108 10.49 -9.43 13.88
C TRP B 108 11.98 -9.58 14.08
N ASP B 109 12.60 -10.49 13.32
CA ASP B 109 13.98 -10.85 13.55
C ASP B 109 14.92 -9.81 12.96
N LEU B 110 16.20 -10.16 12.83
CA LEU B 110 17.21 -9.21 12.34
C LEU B 110 16.79 -8.57 11.02
N GLY B 111 16.20 -9.34 10.12
CA GLY B 111 15.94 -8.85 8.78
C GLY B 111 14.47 -8.73 8.39
N SER B 112 13.59 -9.43 9.12
CA SER B 112 12.17 -9.36 8.77
C SER B 112 11.53 -8.06 9.24
N SER B 113 12.01 -7.49 10.34
CA SER B 113 11.54 -6.16 10.73
C SER B 113 12.14 -5.09 9.83
N PHE B 114 13.32 -5.35 9.27
CA PHE B 114 13.87 -4.48 8.23
C PHE B 114 12.93 -4.41 7.03
N PHE B 115 12.41 -5.57 6.62
CA PHE B 115 11.38 -5.64 5.58
C PHE B 115 10.21 -4.70 5.83
N PHE B 116 9.56 -4.87 6.98
CA PHE B 116 8.31 -4.15 7.24
C PHE B 116 8.54 -2.68 7.51
N ALA B 117 9.74 -2.30 7.97
CA ALA B 117 10.12 -0.88 7.90
C ALA B 117 10.18 -0.41 6.45
N GLY B 118 10.64 -1.27 5.55
CA GLY B 118 10.70 -0.90 4.15
C GLY B 118 9.35 -0.76 3.49
N THR B 119 8.35 -1.51 3.97
CA THR B 119 7.00 -1.39 3.40
C THR B 119 6.31 -0.11 3.85
N VAL B 120 6.56 0.30 5.09
CA VAL B 120 5.85 1.45 5.66
C VAL B 120 6.23 2.72 4.93
N ILE B 121 7.53 2.96 4.75
CA ILE B 121 7.95 4.21 4.11
C ILE B 121 7.61 4.20 2.62
N THR B 122 7.63 3.03 1.98
CA THR B 122 7.17 2.90 0.61
C THR B 122 5.65 2.89 0.48
N THR B 123 4.94 2.74 1.61
CA THR B 123 3.48 2.60 1.64
C THR B 123 3.00 1.39 0.85
N ILE B 124 3.86 0.39 0.66
CA ILE B 124 3.44 -0.85 0.01
C ILE B 124 2.48 -1.63 0.91
N GLY B 125 2.89 -1.87 2.15
CA GLY B 125 2.06 -2.61 3.09
C GLY B 125 2.77 -3.77 3.76
N ASN B 128 -0.85 -8.66 6.56
CA ASN B 128 -1.23 -9.78 7.41
C ASN B 128 -0.59 -9.67 8.79
N ILE B 129 0.62 -9.12 8.84
CA ILE B 129 1.37 -9.00 10.08
C ILE B 129 1.62 -7.52 10.34
N SER B 130 0.85 -6.96 11.26
CA SER B 130 1.00 -5.61 11.77
C SER B 130 1.49 -5.64 13.20
N PRO B 131 1.94 -4.50 13.74
CA PRO B 131 2.36 -4.48 15.14
C PRO B 131 1.18 -4.51 16.08
N ARG B 132 1.47 -5.08 17.23
CA ARG B 132 0.44 -5.28 18.22
C ARG B 132 0.72 -4.48 19.48
N THR B 133 1.98 -4.10 19.70
CA THR B 133 2.36 -3.23 20.80
C THR B 133 1.89 -1.81 20.56
N GLU B 134 1.47 -1.16 21.65
CA GLU B 134 1.18 0.27 21.59
C GLU B 134 2.42 1.06 21.15
N GLY B 135 3.55 0.81 21.81
CA GLY B 135 4.78 1.49 21.43
C GLY B 135 5.16 1.23 19.98
N GLY B 136 4.91 -0.01 19.51
CA GLY B 136 5.13 -0.29 18.10
C GLY B 136 4.18 0.46 17.19
N LYS B 137 2.91 0.53 17.58
CA LYS B 137 1.93 1.26 16.77
C LYS B 137 2.20 2.76 16.78
N ILE B 138 2.65 3.30 17.92
CA ILE B 138 2.87 4.74 18.02
C ILE B 138 4.19 5.13 17.37
N PHE B 139 5.24 4.32 17.54
CA PHE B 139 6.47 4.55 16.78
C PHE B 139 6.20 4.47 15.29
N CYS B 140 5.41 3.48 14.85
CA CYS B 140 5.15 3.31 13.42
C CYS B 140 4.41 4.51 12.85
N ILE B 141 3.41 5.03 13.57
CA ILE B 141 2.69 6.22 13.11
C ILE B 141 3.68 7.34 12.80
N ILE B 142 4.60 7.61 13.74
CA ILE B 142 5.58 8.66 13.52
C ILE B 142 6.66 8.20 12.53
N TYR B 143 7.03 6.92 12.59
CA TYR B 143 7.99 6.39 11.63
C TYR B 143 7.48 6.51 10.21
N ALA B 144 6.16 6.35 10.02
CA ALA B 144 5.56 6.54 8.70
C ALA B 144 5.47 8.01 8.34
N LEU B 145 4.84 8.81 9.22
CA LEU B 145 4.66 10.23 8.96
C LEU B 145 5.98 10.95 8.69
N LEU B 146 7.09 10.42 9.18
CA LEU B 146 8.40 10.99 8.91
C LEU B 146 9.21 10.21 7.89
N GLY B 147 8.92 8.91 7.74
CA GLY B 147 9.65 8.09 6.79
C GLY B 147 9.10 8.14 5.38
N ILE B 148 7.79 8.34 5.25
CA ILE B 148 7.18 8.49 3.93
C ILE B 148 7.76 9.70 3.20
N PRO B 149 7.81 10.90 3.79
CA PRO B 149 8.47 12.01 3.07
C PRO B 149 9.95 11.76 2.85
N LEU B 150 10.65 11.20 3.84
CA LEU B 150 12.06 10.85 3.68
C LEU B 150 12.27 9.93 2.48
N PHE B 151 11.44 8.89 2.37
CA PHE B 151 11.58 7.99 1.23
C PHE B 151 11.19 8.66 -0.07
N GLY B 152 10.28 9.63 -0.03
CA GLY B 152 9.86 10.33 -1.24
C GLY B 152 11.01 11.02 -1.95
N PHE B 153 12.00 11.49 -1.20
CA PHE B 153 13.16 12.12 -1.83
C PHE B 153 14.09 11.08 -2.46
N LEU B 154 14.25 9.93 -1.80
CA LEU B 154 15.03 8.85 -2.40
C LEU B 154 14.37 8.35 -3.68
N LEU B 155 13.05 8.15 -3.65
CA LEU B 155 12.32 7.74 -4.84
C LEU B 155 12.47 8.76 -5.96
N ALA B 156 12.16 10.02 -5.67
CA ALA B 156 12.31 11.07 -6.68
C ALA B 156 13.78 11.28 -7.06
N GLY B 157 14.70 11.10 -6.12
CA GLY B 157 16.11 11.17 -6.46
C GLY B 157 16.52 10.09 -7.43
N VAL B 158 16.08 8.85 -7.19
CA VAL B 158 16.30 7.77 -8.14
C VAL B 158 15.48 8.02 -9.41
N GLY B 159 14.32 8.66 -9.28
CA GLY B 159 13.49 8.93 -10.45
C GLY B 159 14.21 9.77 -11.49
N ASP B 160 14.88 10.83 -11.05
CA ASP B 160 15.66 11.66 -11.97
C ASP B 160 17.09 11.13 -12.14
N GLN B 161 17.55 10.28 -11.22
CA GLN B 161 18.77 9.51 -11.47
C GLN B 161 18.56 8.56 -12.64
N LEU B 162 17.45 7.82 -12.61
CA LEU B 162 17.07 6.98 -13.75
C LEU B 162 16.68 7.80 -14.95
N GLY B 163 16.19 9.04 -14.74
CA GLY B 163 15.80 9.87 -15.86
C GLY B 163 16.94 10.26 -16.77
N THR B 164 18.16 10.29 -16.24
CA THR B 164 19.34 10.56 -17.06
C THR B 164 20.06 9.29 -17.49
N ILE B 165 19.88 8.19 -16.76
CA ILE B 165 20.28 6.88 -17.30
C ILE B 165 19.53 6.61 -18.58
N PHE B 166 18.25 6.99 -18.64
CA PHE B 166 17.47 6.84 -19.85
C PHE B 166 17.66 7.99 -20.81
N GLY B 167 17.87 9.21 -20.31
CA GLY B 167 18.07 10.35 -21.18
C GLY B 167 19.34 10.27 -21.99
N LYS B 168 20.40 9.69 -21.43
CA LYS B 168 21.64 9.50 -22.18
C LYS B 168 21.57 8.29 -23.10
N GLY B 169 20.78 7.28 -22.73
CA GLY B 169 20.59 6.14 -23.61
C GLY B 169 19.72 6.45 -24.81
N ILE B 170 18.79 7.39 -24.66
CA ILE B 170 17.93 7.78 -25.78
C ILE B 170 18.59 8.84 -26.65
N ALA B 171 19.59 9.57 -26.12
CA ALA B 171 20.35 10.49 -26.97
C ALA B 171 21.11 9.74 -28.05
N LYS B 172 21.49 8.48 -27.80
CA LYS B 172 22.12 7.66 -28.82
C LYS B 172 21.08 7.13 -29.81
N VAL B 173 19.97 6.59 -29.28
CA VAL B 173 19.02 5.87 -30.12
C VAL B 173 18.33 6.82 -31.09
N GLU B 174 17.97 8.02 -30.64
CA GLU B 174 17.29 8.98 -31.50
C GLU B 174 18.20 9.57 -32.57
N ASP B 175 19.50 9.26 -32.56
CA ASP B 175 20.40 9.69 -33.63
C ASP B 175 20.67 8.61 -34.66
N THR B 176 20.43 7.34 -34.34
CA THR B 176 20.84 6.23 -35.17
C THR B 176 19.82 5.83 -36.23
N PHE B 177 18.70 6.54 -36.33
CA PHE B 177 17.80 6.43 -37.47
C PHE B 177 17.76 7.70 -38.33
N ILE B 178 18.66 8.65 -38.09
CA ILE B 178 18.56 9.96 -38.73
C ILE B 178 19.04 9.82 -40.18
N LYS B 179 18.09 9.61 -41.09
CA LYS B 179 18.29 9.75 -42.52
C LYS B 179 17.95 11.19 -42.92
N TRP B 180 17.79 11.45 -44.21
CA TRP B 180 17.05 12.63 -44.62
C TRP B 180 15.60 12.43 -44.20
N ASN B 181 14.83 13.53 -44.18
CA ASN B 181 13.39 13.46 -44.00
C ASN B 181 13.02 12.79 -42.67
N VAL B 182 13.53 13.37 -41.57
CA VAL B 182 13.30 12.84 -40.23
C VAL B 182 12.51 13.88 -39.44
N SER B 183 11.34 13.47 -38.95
CA SER B 183 10.45 14.37 -38.23
C SER B 183 10.73 14.33 -36.74
N GLN B 184 10.76 15.50 -36.12
CA GLN B 184 11.10 15.64 -34.71
C GLN B 184 9.91 15.43 -33.79
N THR B 185 8.68 15.49 -34.31
CA THR B 185 7.49 15.28 -33.49
C THR B 185 7.12 13.81 -33.36
N LYS B 186 7.65 12.94 -34.21
CA LYS B 186 7.27 11.53 -34.22
C LYS B 186 8.37 10.61 -33.69
N ILE B 187 9.64 11.00 -33.80
CA ILE B 187 10.70 10.24 -33.15
C ILE B 187 10.54 10.28 -31.63
N ARG B 188 9.88 11.31 -31.11
CA ARG B 188 9.57 11.35 -29.68
C ARG B 188 8.71 10.18 -29.25
N ILE B 189 7.97 9.59 -30.18
CA ILE B 189 7.09 8.47 -29.84
C ILE B 189 7.82 7.12 -29.99
N ILE B 190 8.78 7.03 -30.92
CA ILE B 190 9.66 5.86 -30.94
C ILE B 190 10.43 5.77 -29.64
N SER B 191 10.78 6.91 -29.03
CA SER B 191 11.47 6.90 -27.76
C SER B 191 10.57 6.39 -26.64
N THR B 192 9.31 6.82 -26.62
CA THR B 192 8.38 6.35 -25.60
C THR B 192 8.06 4.86 -25.76
N ILE B 193 8.33 4.29 -26.94
CA ILE B 193 8.18 2.85 -27.10
C ILE B 193 9.36 2.12 -26.47
N ILE B 194 10.58 2.64 -26.65
CA ILE B 194 11.78 1.96 -26.14
C ILE B 194 11.90 2.09 -24.63
N PHE B 195 11.07 2.93 -24.00
CA PHE B 195 11.04 3.07 -22.55
C PHE B 195 10.09 2.06 -21.89
N ILE B 196 8.91 1.85 -22.47
CA ILE B 196 8.10 0.73 -22.05
C ILE B 196 8.78 -0.57 -22.42
N LEU B 197 9.53 -0.58 -23.53
CA LEU B 197 10.21 -1.81 -23.96
C LEU B 197 11.37 -2.16 -23.04
N PHE B 198 12.41 -1.32 -22.98
CA PHE B 198 13.49 -1.56 -22.03
C PHE B 198 12.97 -1.68 -20.61
N GLY B 199 12.03 -0.82 -20.23
CA GLY B 199 11.54 -0.83 -18.87
C GLY B 199 10.92 -2.15 -18.45
N CYS B 200 9.85 -2.56 -19.13
CA CYS B 200 9.15 -3.77 -18.76
C CYS B 200 9.98 -5.03 -19.03
N VAL B 201 10.97 -4.97 -19.91
CA VAL B 201 11.89 -6.08 -20.06
C VAL B 201 12.78 -6.20 -18.82
N LEU B 202 13.24 -5.07 -18.29
CA LEU B 202 14.05 -5.08 -17.08
C LEU B 202 13.19 -5.28 -15.83
N PHE B 203 12.18 -4.44 -15.65
CA PHE B 203 11.51 -4.35 -14.35
C PHE B 203 10.29 -5.27 -14.23
N VAL B 204 9.71 -5.70 -15.34
CA VAL B 204 8.55 -6.57 -15.33
C VAL B 204 8.89 -7.98 -15.80
N ALA B 205 9.75 -8.10 -16.81
CA ALA B 205 10.03 -9.40 -17.40
C ALA B 205 11.02 -10.21 -16.57
N LEU B 206 12.20 -9.63 -16.30
CA LEU B 206 13.27 -10.42 -15.68
C LEU B 206 12.91 -10.87 -14.27
N PRO B 207 12.50 -10.01 -13.33
CA PRO B 207 12.18 -10.52 -11.98
C PRO B 207 11.04 -11.52 -11.99
N ALA B 208 10.01 -11.29 -12.82
CA ALA B 208 8.90 -12.25 -12.90
C ALA B 208 9.39 -13.63 -13.31
N VAL B 209 10.36 -13.69 -14.22
CA VAL B 209 10.94 -14.98 -14.59
C VAL B 209 11.79 -15.53 -13.44
N ILE B 210 12.44 -14.65 -12.67
CA ILE B 210 13.32 -15.11 -11.59
C ILE B 210 12.50 -15.79 -10.49
N PHE B 211 11.31 -15.28 -10.20
CA PHE B 211 10.53 -15.87 -9.11
C PHE B 211 9.92 -17.21 -9.49
N LYS B 212 9.95 -17.59 -10.76
CA LYS B 212 9.53 -18.93 -11.17
C LYS B 212 10.50 -20.00 -10.68
N HIS B 213 11.78 -19.66 -10.55
CA HIS B 213 12.82 -20.62 -10.25
C HIS B 213 13.27 -20.58 -8.79
N ILE B 214 12.53 -19.88 -7.93
CA ILE B 214 12.83 -19.84 -6.50
C ILE B 214 11.58 -20.21 -5.71
N GLU B 215 10.46 -19.52 -5.98
CA GLU B 215 9.19 -19.79 -5.34
C GLU B 215 8.27 -20.70 -6.16
N GLY B 216 8.59 -20.95 -7.42
CA GLY B 216 7.74 -21.78 -8.24
C GLY B 216 6.46 -21.13 -8.73
N TRP B 217 6.40 -19.80 -8.77
CA TRP B 217 5.22 -19.09 -9.22
C TRP B 217 4.87 -19.39 -10.67
N SER B 218 3.60 -19.22 -10.99
CA SER B 218 3.13 -19.36 -12.36
C SER B 218 3.61 -18.19 -13.21
N ALA B 219 3.17 -18.18 -14.47
CA ALA B 219 3.57 -17.11 -15.38
C ALA B 219 2.90 -15.79 -15.02
N LEU B 220 1.59 -15.81 -14.79
CA LEU B 220 0.86 -14.58 -14.47
C LEU B 220 1.25 -14.04 -13.09
N ASP B 221 1.17 -14.89 -12.06
CA ASP B 221 1.22 -14.42 -10.68
C ASP B 221 2.52 -13.69 -10.36
N ALA B 222 3.59 -13.93 -11.12
CA ALA B 222 4.81 -13.17 -10.91
C ALA B 222 4.68 -11.75 -11.44
N ILE B 223 3.92 -11.56 -12.51
CA ILE B 223 3.67 -10.21 -13.03
C ILE B 223 2.57 -9.52 -12.23
N TYR B 224 1.51 -10.26 -11.90
CA TYR B 224 0.49 -9.75 -10.98
C TYR B 224 1.11 -9.28 -9.68
N PHE B 225 2.07 -10.04 -9.15
CA PHE B 225 2.80 -9.62 -7.96
C PHE B 225 3.53 -8.31 -8.19
N VAL B 226 4.30 -8.21 -9.27
CA VAL B 226 5.13 -7.03 -9.51
C VAL B 226 4.27 -5.79 -9.69
N VAL B 227 3.20 -5.90 -10.47
CA VAL B 227 2.34 -4.74 -10.72
C VAL B 227 1.72 -4.27 -9.41
N ILE B 228 1.14 -5.19 -8.64
CA ILE B 228 0.57 -4.82 -7.35
C ILE B 228 1.63 -4.27 -6.40
N THR B 229 2.86 -4.79 -6.50
CA THR B 229 3.92 -4.34 -5.61
C THR B 229 4.38 -2.93 -5.96
N LEU B 230 4.88 -2.75 -7.18
CA LEU B 230 5.52 -1.49 -7.54
C LEU B 230 4.53 -0.35 -7.79
N THR B 231 3.23 -0.63 -7.80
CA THR B 231 2.22 0.41 -7.69
C THR B 231 1.91 0.76 -6.25
N THR B 232 2.57 0.11 -5.29
CA THR B 232 2.37 0.30 -3.84
C THR B 232 0.96 -0.06 -3.41
N ILE B 233 0.28 -0.92 -4.16
CA ILE B 233 -1.02 -1.42 -3.72
C ILE B 233 -0.83 -2.53 -2.69
N GLY B 234 0.14 -3.41 -2.92
CA GLY B 234 0.42 -4.50 -2.01
C GLY B 234 1.74 -5.19 -2.30
N VAL B 239 4.67 -13.61 -0.70
CA VAL B 239 5.86 -12.82 -0.97
C VAL B 239 7.03 -13.78 -1.22
N ALA B 240 7.97 -13.37 -2.07
CA ALA B 240 9.05 -14.24 -2.51
C ALA B 240 10.40 -13.90 -1.87
N GLY B 241 10.41 -13.04 -0.85
CA GLY B 241 11.66 -12.74 -0.18
C GLY B 241 12.20 -13.90 0.64
N GLY B 242 11.30 -14.70 1.24
CA GLY B 242 11.73 -15.82 2.04
C GLY B 242 11.97 -17.08 1.24
N SER B 243 12.77 -17.98 1.81
CA SER B 243 13.05 -19.25 1.17
C SER B 243 13.09 -20.42 2.15
N ASP B 244 12.80 -20.19 3.43
CA ASP B 244 12.94 -21.21 4.48
C ASP B 244 14.28 -21.92 4.42
N ASP B 249 20.43 -14.39 2.84
CA ASP B 249 20.74 -12.97 2.90
C ASP B 249 21.62 -12.50 1.75
N PHE B 250 21.94 -13.41 0.82
CA PHE B 250 22.61 -12.99 -0.40
C PHE B 250 21.63 -12.44 -1.43
N TYR B 251 20.34 -12.55 -1.15
CA TYR B 251 19.29 -12.46 -2.15
C TYR B 251 18.25 -11.38 -1.87
N LYS B 252 18.12 -10.90 -0.64
CA LYS B 252 17.23 -9.77 -0.36
C LYS B 252 17.84 -8.41 -0.68
N PRO B 253 19.08 -8.11 -0.25
CA PRO B 253 19.60 -6.75 -0.44
C PRO B 253 19.69 -6.32 -1.90
N VAL B 254 20.00 -7.23 -2.82
CA VAL B 254 20.07 -6.86 -4.22
C VAL B 254 18.68 -6.65 -4.79
N VAL B 255 17.68 -7.35 -4.26
CA VAL B 255 16.31 -7.18 -4.73
C VAL B 255 15.73 -5.86 -4.25
N TRP B 256 16.04 -5.46 -3.01
CA TRP B 256 15.51 -4.20 -2.50
C TRP B 256 15.98 -3.02 -3.35
N PHE B 257 17.18 -3.13 -3.93
CA PHE B 257 17.61 -2.20 -4.97
C PHE B 257 16.59 -2.13 -6.10
N TRP B 258 16.33 -3.27 -6.73
CA TRP B 258 15.35 -3.33 -7.81
C TRP B 258 14.01 -2.70 -7.43
N ILE B 259 13.54 -2.97 -6.20
CA ILE B 259 12.25 -2.44 -5.77
C ILE B 259 12.25 -0.92 -5.84
N LEU B 260 13.31 -0.30 -5.30
CA LEU B 260 13.42 1.16 -5.35
C LEU B 260 13.41 1.68 -6.78
N VAL B 261 14.17 1.04 -7.67
CA VAL B 261 14.23 1.50 -9.05
C VAL B 261 12.93 1.15 -9.78
N GLY B 262 12.38 -0.03 -9.51
CA GLY B 262 11.10 -0.39 -10.09
C GLY B 262 9.96 0.48 -9.60
N LEU B 263 10.02 0.93 -8.35
CA LEU B 263 9.06 1.92 -7.87
C LEU B 263 9.22 3.24 -8.61
N ALA B 264 10.46 3.69 -8.78
CA ALA B 264 10.70 4.86 -9.62
C ALA B 264 10.25 4.62 -11.05
N TYR B 265 10.32 3.38 -11.51
CA TYR B 265 9.86 3.06 -12.86
C TYR B 265 8.35 3.19 -12.98
N PHE B 266 7.59 2.48 -12.15
CA PHE B 266 6.13 2.62 -12.21
C PHE B 266 5.67 4.00 -11.78
N ALA B 267 6.47 4.72 -10.99
CA ALA B 267 6.14 6.11 -10.70
C ALA B 267 6.08 6.93 -11.99
N ALA B 268 7.05 6.71 -12.89
CA ALA B 268 7.00 7.36 -14.19
C ALA B 268 5.92 6.75 -15.06
N VAL B 269 5.76 5.43 -15.04
CA VAL B 269 4.76 4.76 -15.88
C VAL B 269 3.35 5.23 -15.52
N LEU B 270 3.00 5.17 -14.23
CA LEU B 270 1.69 5.62 -13.80
C LEU B 270 1.49 7.11 -14.06
N SER B 271 2.57 7.87 -14.11
CA SER B 271 2.46 9.29 -14.47
C SER B 271 2.28 9.47 -15.97
N MET B 272 2.97 8.66 -16.78
CA MET B 272 2.78 8.72 -18.23
C MET B 272 1.32 8.47 -18.59
N ILE B 273 0.70 7.47 -17.98
CA ILE B 273 -0.68 7.15 -18.29
C ILE B 273 -1.58 8.33 -17.99
N GLY B 274 -1.23 9.13 -16.98
CA GLY B 274 -1.95 10.37 -16.74
C GLY B 274 -1.81 11.36 -17.88
N ASP B 275 -0.66 11.35 -18.57
CA ASP B 275 -0.49 12.19 -19.75
C ASP B 275 -1.44 11.74 -20.86
N TRP B 276 -1.52 10.43 -21.09
CA TRP B 276 -2.45 9.89 -22.07
C TRP B 276 -3.89 10.18 -21.68
N LEU B 277 -4.23 9.96 -20.40
CA LEU B 277 -5.58 10.20 -19.93
C LEU B 277 -5.95 11.68 -19.97
N ARG B 278 -4.95 12.56 -19.87
CA ARG B 278 -5.22 13.99 -20.03
C ARG B 278 -5.38 14.37 -21.50
N VAL B 279 -4.68 13.66 -22.39
CA VAL B 279 -4.94 13.80 -23.81
C VAL B 279 -6.33 13.28 -24.14
N ILE B 280 -6.60 12.02 -23.77
CA ILE B 280 -7.89 11.39 -24.06
C ILE B 280 -9.04 12.22 -23.51
N ALA B 281 -8.82 12.90 -22.38
CA ALA B 281 -9.86 13.78 -21.84
C ALA B 281 -10.11 14.96 -22.77
N LYS B 282 -9.05 15.65 -23.19
CA LYS B 282 -9.20 16.80 -24.07
C LYS B 282 -9.67 16.40 -25.47
N LYS B 283 -9.41 15.16 -25.89
CA LYS B 283 -9.85 14.73 -27.21
C LYS B 283 -11.33 14.35 -27.20
N THR B 284 -11.79 13.70 -26.14
CA THR B 284 -13.22 13.48 -25.96
C THR B 284 -13.94 14.76 -25.55
N LYS B 285 -13.19 15.76 -25.09
CA LYS B 285 -13.79 17.05 -24.75
C LYS B 285 -14.29 17.77 -26.01
N GLU B 286 -13.46 17.82 -27.05
CA GLU B 286 -13.86 18.42 -28.31
C GLU B 286 -14.90 17.58 -29.03
N ALA B 287 -14.83 16.26 -28.90
CA ALA B 287 -15.73 15.38 -29.65
C ALA B 287 -17.18 15.59 -29.24
N VAL B 288 -17.44 15.68 -27.94
CA VAL B 288 -18.79 15.95 -27.48
C VAL B 288 -19.18 17.39 -27.82
N GLY B 289 -18.23 18.31 -27.76
CA GLY B 289 -18.53 19.69 -28.09
C GLY B 289 -18.98 19.88 -29.52
N GLU B 290 -18.35 19.16 -30.46
CA GLU B 290 -18.72 19.26 -31.86
C GLU B 290 -20.05 18.56 -32.13
N PHE B 291 -20.11 17.27 -31.77
CA PHE B 291 -21.24 16.40 -32.06
C PHE B 291 -22.52 16.78 -31.33
N ARG B 292 -22.45 17.67 -30.34
CA ARG B 292 -23.65 18.30 -29.80
C ARG B 292 -23.87 19.69 -30.36
N ALA B 293 -22.84 20.33 -30.91
CA ALA B 293 -23.04 21.62 -31.57
C ALA B 293 -23.59 21.45 -32.98
N HIS B 294 -23.01 20.52 -33.75
CA HIS B 294 -23.43 20.35 -35.14
C HIS B 294 -24.79 19.67 -35.25
N ALA B 295 -25.16 18.85 -34.28
CA ALA B 295 -26.45 18.17 -34.29
C ALA B 295 -27.55 19.09 -33.77
CD CD C . 31.19 30.36 11.21
C1 D12 D . 13.51 13.85 14.18
C2 D12 D . 14.46 13.40 13.04
C3 D12 D . 13.70 12.88 11.86
C4 D12 D . 14.66 12.59 10.70
C5 D12 D . 15.09 13.88 9.98
C6 D12 D . 16.58 13.97 10.07
C7 D12 D . 17.12 13.18 8.85
C8 D12 D . 17.27 14.16 7.68
C9 D12 D . 18.61 14.90 7.83
C10 D12 D . 19.69 14.18 7.00
C11 D12 D . 19.60 14.69 5.55
C12 D12 D . 20.97 15.27 5.12
C1 D12 E . 16.87 9.71 12.41
C2 D12 E . 17.75 10.94 12.32
C3 D12 E . 18.97 10.62 11.47
C4 D12 E . 19.90 11.82 11.36
C5 D12 E . 21.22 11.36 10.77
C6 D12 E . 21.98 12.53 10.13
C7 D12 E . 22.95 11.97 9.10
C8 D12 E . 24.09 12.99 8.91
C9 D12 E . 23.64 14.00 7.85
C10 D12 E . 24.89 14.67 7.23
C11 D12 E . 24.47 15.75 6.24
C12 D12 E . 25.68 16.29 5.44
C1 OCT F . -2.10 -1.75 -21.24
C2 OCT F . -2.35 -3.01 -20.36
C3 OCT F . -1.43 -4.15 -20.84
C4 OCT F . -1.70 -5.37 -19.93
C5 OCT F . -0.92 -6.59 -20.47
C6 OCT F . -1.39 -7.84 -19.70
C7 OCT F . -0.58 -9.05 -20.17
C8 OCT F . -1.09 -10.33 -19.51
C5 B7G G . -21.70 2.21 19.72
O5 B7G G . -21.21 3.57 19.31
C1 B7G G . -22.30 4.55 19.09
C2 B7G G . -23.26 4.02 17.98
C3 B7G G . -23.88 2.73 18.43
C4 B7G G . -22.90 1.68 18.87
C6 B7G G . -20.59 1.24 19.60
O1 B7G G . -21.79 5.75 18.75
C7 B7G G . -21.83 6.69 19.76
C8 B7G G . -21.43 8.09 19.27
C9 B7G G . -22.68 8.96 19.14
C10 B7G G . -22.30 10.21 18.35
C11 B7G G . -22.97 10.20 16.97
C12 B7G G . -22.53 11.39 16.12
O2 B7G G . -24.29 4.99 17.73
O3 B7G G . -24.76 2.25 17.36
O4 B7G G . -23.59 0.72 19.67
O6 B7G G . -20.11 0.89 20.87
C13 B7G G . -23.30 11.55 14.82
K K H . -0.59 -0.11 0.22
CD CD I . 5.81 -18.11 9.93
C1 D12 J . -18.60 13.61 -21.32
C2 D12 J . -18.96 12.19 -20.81
C3 D12 J . -17.77 11.26 -21.05
C4 D12 J . -18.09 9.87 -20.49
C5 D12 J . -16.85 8.99 -20.60
C6 D12 J . -17.09 7.69 -19.82
C7 D12 J . -15.80 6.87 -19.87
C8 D12 J . -15.98 5.62 -19.01
C9 D12 J . -14.60 4.94 -18.87
C10 D12 J . -14.76 3.52 -18.28
C11 D12 J . -13.38 2.82 -18.28
C12 D12 J . -13.48 1.37 -17.77
C1 OCT K . -13.14 12.32 -20.16
C2 OCT K . -12.49 11.07 -19.58
C3 OCT K . -11.83 10.25 -20.68
C4 OCT K . -11.10 9.06 -20.04
C5 OCT K . -12.08 7.96 -19.63
C6 OCT K . -11.23 6.75 -19.27
C7 OCT K . -11.39 5.65 -20.32
C8 OCT K . -9.95 5.36 -20.84
C1 D10 L . 3.53 3.35 25.06
C2 D10 L . 5.02 3.25 24.78
C3 D10 L . 5.41 4.43 23.88
C4 D10 L . 6.79 4.15 23.27
C5 D10 L . 7.10 5.23 22.24
C6 D10 L . 8.47 4.95 21.59
C7 D10 L . 8.90 6.20 20.81
C8 D10 L . 10.35 5.98 20.33
C9 D10 L . 10.90 7.32 19.81
C10 D10 L . 12.35 7.11 19.39
K K M . 0.40 2.75 -1.50
#